data_3HCY
#
_entry.id   3HCY
#
_cell.length_a   73.346
_cell.length_b   73.346
_cell.length_c   257.258
_cell.angle_alpha   90.00
_cell.angle_beta   90.00
_cell.angle_gamma   120.00
#
_symmetry.space_group_name_H-M   'P 61 2 2'
#
loop_
_entity.id
_entity.type
_entity.pdbx_description
1 polymer 'Putative two-component sensor histidine kinase protein'
2 water water
#
_entity_poly.entity_id   1
_entity_poly.type   'polypeptide(L)'
_entity_poly.pdbx_seq_one_letter_code
;SNAIEEVYEATLDAIQGALNCDRASILLFDEAGTMRFVAARGLSEHYQRAVDGHSPWITGANEPEPIFVENVDDAEFSRE
LKESIVGEGIAALGFFPLVTEGRLIGKFMTYYDRPHRFADSEIGMALTIARQLGFSIQRMRAEYARRQAEE
;
_entity_poly.pdbx_strand_id   A,B
#
# COMPACT_ATOMS: atom_id res chain seq x y z
N SER A 1 9.78 10.15 18.07
CA SER A 1 10.30 9.01 17.22
C SER A 1 9.25 8.15 16.43
N ASN A 2 7.94 8.56 16.33
CA ASN A 2 7.07 8.15 15.22
C ASN A 2 7.55 9.17 14.20
N ALA A 3 8.59 8.79 13.49
CA ALA A 3 8.79 9.29 12.18
C ALA A 3 8.20 8.07 11.35
N ILE A 4 6.86 8.07 11.16
CA ILE A 4 6.19 7.45 10.00
C ILE A 4 5.42 8.56 9.27
N GLU A 5 6.05 9.71 9.39
CA GLU A 5 6.05 10.61 8.29
C GLU A 5 6.68 9.82 7.10
N GLU A 6 7.54 8.85 7.41
CA GLU A 6 8.03 7.94 6.35
C GLU A 6 7.03 7.02 5.69
N VAL A 7 6.01 6.59 6.42
CA VAL A 7 4.94 5.84 5.78
C VAL A 7 4.17 6.76 4.87
N TYR A 8 4.02 8.03 5.28
CA TYR A 8 3.32 9.01 4.42
C TYR A 8 4.11 9.30 3.14
N GLU A 9 5.39 9.61 3.27
CA GLU A 9 6.22 9.82 2.09
C GLU A 9 6.29 8.59 1.12
N ALA A 10 6.37 7.38 1.68
CA ALA A 10 6.35 6.12 0.89
C ALA A 10 5.05 6.03 0.10
N THR A 11 3.96 6.47 0.75
CA THR A 11 2.67 6.33 0.13
C THR A 11 2.62 7.30 -1.03
N LEU A 12 3.09 8.50 -0.79
CA LEU A 12 3.14 9.51 -1.79
C LEU A 12 4.04 9.00 -2.96
N ASP A 13 5.12 8.30 -2.59
CA ASP A 13 5.94 7.64 -3.61
C ASP A 13 5.12 6.61 -4.41
N ALA A 14 4.39 5.76 -3.70
CA ALA A 14 3.61 4.76 -4.40
C ALA A 14 2.52 5.46 -5.20
N ILE A 15 1.89 6.50 -4.67
CA ILE A 15 0.82 7.15 -5.42
C ILE A 15 1.31 7.62 -6.79
N GLN A 16 2.50 8.21 -6.80
CA GLN A 16 3.09 8.79 -8.01
C GLN A 16 3.46 7.75 -9.04
N GLY A 17 4.09 6.69 -8.57
CA GLY A 17 4.50 5.62 -9.41
C GLY A 17 3.34 4.78 -9.91
N ALA A 18 2.35 4.50 -9.07
CA ALA A 18 1.18 3.71 -9.51
C ALA A 18 0.13 4.51 -10.33
N LEU A 19 0.02 5.81 -10.10
CA LEU A 19 -1.12 6.53 -10.68
C LEU A 19 -0.76 7.73 -11.53
N ASN A 20 0.51 8.06 -11.70
CA ASN A 20 0.74 9.17 -12.65
C ASN A 20 -0.34 10.38 -12.69
N CYS A 21 -0.59 10.97 -11.53
CA CYS A 21 -1.39 12.17 -11.39
C CYS A 21 -0.39 13.28 -11.12
N ASP A 22 -0.89 14.48 -10.90
CA ASP A 22 -0.05 15.67 -10.93
C ASP A 22 0.48 16.13 -9.57
N ARG A 23 -0.33 15.84 -8.55
CA ARG A 23 -0.08 16.22 -7.17
C ARG A 23 -0.93 15.24 -6.38
N ALA A 24 -0.60 15.09 -5.09
CA ALA A 24 -1.29 14.20 -4.19
C ALA A 24 -1.18 14.69 -2.69
N SER A 25 -2.10 14.20 -1.83
CA SER A 25 -2.05 14.57 -0.41
C SER A 25 -2.67 13.52 0.50
N ILE A 26 -2.37 13.59 1.80
CA ILE A 26 -3.06 12.75 2.80
C ILE A 26 -3.62 13.67 3.87
N LEU A 27 -4.88 13.46 4.26
CA LEU A 27 -5.47 14.25 5.34
C LEU A 27 -6.09 13.30 6.35
N LEU A 28 -6.05 13.71 7.60
CA LEU A 28 -6.59 12.90 8.70
C LEU A 28 -7.47 13.77 9.62
N PHE A 29 -8.44 13.16 10.29
CA PHE A 29 -9.22 13.90 11.27
C PHE A 29 -8.39 14.28 12.43
N ASP A 30 -8.78 15.40 13.04
CA ASP A 30 -8.15 15.92 14.21
C ASP A 30 -9.21 15.88 15.30
N GLU A 31 -8.83 16.22 16.52
CA GLU A 31 -9.73 16.03 17.62
C GLU A 31 -10.92 16.93 17.55
N ALA A 32 -10.87 18.04 16.81
CA ALA A 32 -12.09 18.84 16.62
C ALA A 32 -12.99 18.28 15.49
N GLY A 33 -12.69 17.07 15.00
CA GLY A 33 -13.44 16.51 13.90
C GLY A 33 -13.09 17.18 12.59
N THR A 34 -12.11 18.07 12.58
CA THR A 34 -11.78 18.70 11.33
C THR A 34 -10.62 18.00 10.54
N MET A 35 -10.75 17.89 9.21
CA MET A 35 -9.72 17.21 8.35
C MET A 35 -8.52 18.08 8.17
N ARG A 36 -7.36 17.48 8.19
CA ARG A 36 -6.08 18.19 8.19
C ARG A 36 -5.02 17.50 7.36
N PHE A 37 -4.39 18.22 6.45
CA PHE A 37 -3.20 17.71 5.76
C PHE A 37 -2.18 17.22 6.77
N VAL A 38 -1.56 16.05 6.50
CA VAL A 38 -0.42 15.49 7.23
C VAL A 38 0.74 15.25 6.26
N ALA A 39 0.47 15.34 4.95
CA ALA A 39 1.51 15.18 3.94
C ALA A 39 1.00 15.56 2.58
N ALA A 40 1.91 15.97 1.68
CA ALA A 40 1.48 16.46 0.37
C ALA A 40 2.60 16.69 -0.61
N ARG A 41 2.32 16.54 -1.91
CA ARG A 41 3.08 17.24 -2.93
C ARG A 41 2.30 17.49 -4.18
N GLY A 42 2.61 18.47 -5.03
CA GLY A 42 3.03 19.79 -4.72
C GLY A 42 1.68 20.55 -4.69
N LEU A 43 1.01 20.48 -3.54
CA LEU A 43 0.09 21.49 -3.10
C LEU A 43 0.93 22.55 -2.39
N SER A 44 0.46 23.79 -2.49
CA SER A 44 1.05 24.85 -1.69
C SER A 44 0.36 24.86 -0.29
N GLU A 45 1.07 25.43 0.68
CA GLU A 45 0.52 25.71 1.99
C GLU A 45 -0.65 26.65 1.92
N HIS A 46 -0.54 27.62 1.03
CA HIS A 46 -1.65 28.50 0.81
C HIS A 46 -2.89 27.68 0.58
N TYR A 47 -2.79 26.70 -0.33
CA TYR A 47 -3.94 25.85 -0.60
C TYR A 47 -4.34 25.10 0.64
N GLN A 48 -3.34 24.64 1.38
CA GLN A 48 -3.63 23.72 2.47
C GLN A 48 -4.42 24.43 3.58
N ARG A 49 -3.97 25.65 3.93
CA ARG A 49 -4.67 26.49 4.90
C ARG A 49 -6.05 26.81 4.38
N ALA A 50 -6.10 27.08 3.09
CA ALA A 50 -7.31 27.48 2.39
C ALA A 50 -8.44 26.52 2.58
N VAL A 51 -8.18 25.23 2.49
CA VAL A 51 -9.26 24.27 2.30
C VAL A 51 -9.43 23.25 3.37
N ASP A 52 -8.83 23.46 4.52
CA ASP A 52 -9.03 22.53 5.60
C ASP A 52 -10.52 22.56 5.91
N GLY A 53 -11.05 21.53 6.56
CA GLY A 53 -12.44 21.55 6.94
C GLY A 53 -13.30 20.48 6.32
N HIS A 54 -13.71 20.69 5.07
CA HIS A 54 -14.67 19.81 4.38
C HIS A 54 -14.29 18.35 4.34
N SER A 55 -15.19 17.51 4.79
CA SER A 55 -15.03 16.08 4.64
C SER A 55 -16.18 15.52 3.83
N PRO A 56 -16.01 15.41 2.53
CA PRO A 56 -17.12 15.01 1.67
C PRO A 56 -18.04 13.95 2.22
N TRP A 57 -17.80 13.47 3.43
CA TRP A 57 -18.60 12.40 3.97
C TRP A 57 -19.09 12.76 5.37
N ILE A 58 -19.84 11.85 5.99
CA ILE A 58 -20.14 11.91 7.42
C ILE A 58 -20.88 10.67 7.89
N ASN A 62 -20.46 7.24 7.37
CA ASN A 62 -20.45 5.96 8.09
C ASN A 62 -20.21 4.74 7.18
N GLU A 63 -20.48 4.90 5.88
CA GLU A 63 -20.17 3.88 4.81
C GLU A 63 -19.67 4.49 3.44
N PRO A 64 -18.35 4.79 3.35
CA PRO A 64 -17.83 5.73 2.36
C PRO A 64 -17.24 5.14 1.11
N GLU A 65 -17.56 5.78 0.00
CA GLU A 65 -17.07 5.41 -1.32
C GLU A 65 -16.11 6.48 -1.83
N PRO A 66 -15.30 6.11 -2.84
CA PRO A 66 -14.52 7.12 -3.49
C PRO A 66 -15.39 8.15 -4.21
N ILE A 67 -14.90 9.38 -4.29
CA ILE A 67 -15.61 10.44 -4.98
C ILE A 67 -14.70 10.95 -6.09
N PHE A 68 -15.22 11.17 -7.29
CA PHE A 68 -14.38 11.67 -8.38
C PHE A 68 -14.91 12.96 -8.88
N VAL A 69 -14.03 13.87 -9.25
CA VAL A 69 -14.37 15.15 -9.85
C VAL A 69 -13.50 15.33 -11.10
N GLU A 70 -14.11 15.15 -12.25
CA GLU A 70 -13.36 15.08 -13.50
C GLU A 70 -13.03 16.43 -14.06
N ASN A 71 -13.94 17.38 -13.85
CA ASN A 71 -13.71 18.78 -14.18
C ASN A 71 -14.28 19.59 -13.08
N VAL A 72 -13.45 20.47 -12.53
CA VAL A 72 -13.86 21.27 -11.40
C VAL A 72 -15.01 22.13 -11.82
N ASP A 73 -14.93 22.66 -13.04
CA ASP A 73 -15.90 23.61 -13.51
C ASP A 73 -17.25 23.00 -13.53
N ASP A 74 -17.31 21.70 -13.65
CA ASP A 74 -18.57 21.03 -13.66
C ASP A 74 -18.97 20.43 -12.28
N ALA A 75 -18.23 20.72 -11.20
CA ALA A 75 -18.56 20.18 -9.87
C ALA A 75 -19.57 21.02 -9.05
N GLU A 76 -19.99 20.44 -7.92
CA GLU A 76 -20.97 21.01 -6.96
C GLU A 76 -20.34 21.85 -5.83
N PHE A 77 -19.46 22.79 -6.16
CA PHE A 77 -18.74 23.49 -5.09
C PHE A 77 -19.14 24.93 -4.82
N SER A 78 -19.38 25.25 -3.57
CA SER A 78 -19.39 26.64 -3.15
C SER A 78 -18.35 27.51 -3.88
N ARG A 79 -18.76 28.69 -4.37
CA ARG A 79 -17.85 29.71 -5.01
C ARG A 79 -16.44 29.72 -4.40
N GLU A 80 -16.39 29.93 -3.11
CA GLU A 80 -15.16 30.04 -2.41
C GLU A 80 -14.22 28.85 -2.64
N LEU A 81 -14.77 27.65 -2.59
CA LEU A 81 -13.99 26.40 -2.54
C LEU A 81 -13.59 25.96 -3.94
N LYS A 82 -14.47 26.19 -4.92
CA LYS A 82 -14.09 26.14 -6.30
C LYS A 82 -13.03 27.18 -6.65
N GLU A 83 -13.10 28.37 -6.11
CA GLU A 83 -12.06 29.35 -6.39
C GLU A 83 -10.75 28.89 -5.82
N SER A 84 -10.81 28.23 -4.67
CA SER A 84 -9.61 27.77 -4.01
C SER A 84 -8.90 26.71 -4.83
N ILE A 85 -9.68 25.80 -5.41
CA ILE A 85 -9.09 24.73 -6.20
C ILE A 85 -8.45 25.32 -7.48
N VAL A 86 -9.27 25.98 -8.30
CA VAL A 86 -8.80 26.49 -9.54
C VAL A 86 -7.63 27.47 -9.33
N GLY A 87 -7.70 28.34 -8.34
CA GLY A 87 -6.57 29.23 -8.15
C GLY A 87 -5.29 28.52 -7.80
N GLU A 88 -5.43 27.35 -7.19
CA GLU A 88 -4.27 26.47 -6.94
C GLU A 88 -3.75 25.88 -8.23
N GLY A 89 -4.58 25.89 -9.27
CA GLY A 89 -4.18 25.35 -10.55
C GLY A 89 -4.68 23.94 -10.82
N ILE A 90 -5.62 23.44 -10.02
CA ILE A 90 -6.14 22.05 -10.12
C ILE A 90 -7.48 22.00 -10.91
N ALA A 91 -7.64 20.98 -11.78
CA ALA A 91 -8.82 20.78 -12.64
C ALA A 91 -9.64 19.52 -12.26
N ALA A 92 -9.00 18.56 -11.62
CA ALA A 92 -9.65 17.30 -11.38
C ALA A 92 -9.11 16.73 -10.09
N LEU A 93 -9.97 16.01 -9.36
CA LEU A 93 -9.55 15.42 -8.11
C LEU A 93 -10.27 14.11 -7.74
N GLY A 94 -9.55 13.32 -6.96
CA GLY A 94 -10.00 12.01 -6.51
C GLY A 94 -9.87 11.93 -5.02
N PHE A 95 -10.98 11.59 -4.37
CA PHE A 95 -11.02 11.39 -2.94
C PHE A 95 -11.20 9.91 -2.58
N PHE A 96 -10.25 9.36 -1.85
CA PHE A 96 -10.29 7.98 -1.45
C PHE A 96 -10.22 7.96 0.06
N PRO A 97 -11.27 7.48 0.72
CA PRO A 97 -11.43 7.42 2.13
C PRO A 97 -10.39 6.58 2.80
N LEU A 98 -9.92 6.99 3.97
CA LEU A 98 -9.05 6.16 4.79
C LEU A 98 -9.85 5.70 5.97
N VAL A 99 -9.88 4.40 6.18
CA VAL A 99 -10.71 3.76 7.16
C VAL A 99 -10.00 2.75 8.05
N THR A 100 -10.31 2.77 9.35
CA THR A 100 -9.70 1.84 10.29
C THR A 100 -10.74 1.29 11.27
N GLU A 101 -10.93 -0.02 11.23
CA GLU A 101 -11.88 -0.68 12.12
C GLU A 101 -13.32 -0.39 11.69
N GLY A 102 -13.49 0.09 10.47
CA GLY A 102 -14.80 0.41 9.95
C GLY A 102 -15.22 1.82 10.26
N ARG A 103 -14.28 2.76 10.16
CA ARG A 103 -14.55 4.15 10.43
C ARG A 103 -13.59 5.05 9.70
N LEU A 104 -14.08 6.20 9.28
CA LEU A 104 -13.35 7.16 8.48
C LEU A 104 -12.34 7.82 9.34
N ILE A 105 -11.13 7.99 8.84
CA ILE A 105 -10.09 8.50 9.68
C ILE A 105 -9.45 9.64 8.97
N GLY A 106 -9.85 9.81 7.72
CA GLY A 106 -9.12 10.65 6.82
C GLY A 106 -9.33 10.27 5.39
N LYS A 107 -8.48 10.81 4.55
CA LYS A 107 -8.67 10.67 3.11
C LYS A 107 -7.33 10.90 2.46
N PHE A 108 -7.18 10.40 1.24
CA PHE A 108 -6.03 10.79 0.44
C PHE A 108 -6.53 11.15 -0.95
N MET A 109 -5.82 12.09 -1.57
CA MET A 109 -6.35 12.83 -2.69
C MET A 109 -5.33 12.71 -3.81
N THR A 110 -5.85 12.53 -5.02
CA THR A 110 -5.06 12.69 -6.22
C THR A 110 -5.62 13.91 -6.90
N TYR A 111 -4.76 14.74 -7.43
CA TYR A 111 -5.12 15.98 -8.09
C TYR A 111 -4.58 15.91 -9.52
N TYR A 112 -5.31 16.49 -10.46
CA TYR A 112 -4.85 16.59 -11.83
C TYR A 112 -5.04 18.02 -12.30
N ASP A 113 -3.99 18.60 -12.87
CA ASP A 113 -3.99 19.99 -13.31
C ASP A 113 -4.88 20.25 -14.58
N ARG A 114 -5.29 19.21 -15.28
CA ARG A 114 -6.28 19.34 -16.38
C ARG A 114 -7.31 18.25 -16.14
N PRO A 115 -8.49 18.41 -16.76
CA PRO A 115 -9.55 17.43 -16.61
C PRO A 115 -9.10 15.99 -16.76
N HIS A 116 -9.82 15.11 -16.09
CA HIS A 116 -9.40 13.74 -16.01
C HIS A 116 -10.56 12.75 -15.70
N ARG A 117 -10.83 11.83 -16.62
CA ARG A 117 -11.66 10.63 -16.38
C ARG A 117 -10.93 9.48 -15.64
N PHE A 118 -11.61 8.86 -14.69
CA PHE A 118 -10.91 7.94 -13.86
C PHE A 118 -11.07 6.52 -14.35
N ALA A 119 -9.98 5.95 -14.87
CA ALA A 119 -9.92 4.58 -15.35
C ALA A 119 -10.06 3.62 -14.19
N ASP A 120 -10.82 2.54 -14.40
CA ASP A 120 -11.08 1.54 -13.36
C ASP A 120 -9.84 1.02 -12.72
N SER A 121 -8.93 0.57 -13.58
CA SER A 121 -7.62 0.17 -13.17
C SER A 121 -7.00 1.13 -12.11
N GLU A 122 -6.98 2.47 -12.34
CA GLU A 122 -6.27 3.36 -11.41
C GLU A 122 -7.06 3.50 -10.13
N ILE A 123 -8.37 3.52 -10.24
CA ILE A 123 -9.22 3.48 -9.05
C ILE A 123 -8.85 2.26 -8.16
N GLY A 124 -8.76 1.09 -8.79
CA GLY A 124 -8.39 -0.12 -8.07
C GLY A 124 -7.01 0.01 -7.44
N MET A 125 -6.05 0.48 -8.22
CA MET A 125 -4.74 0.72 -7.66
C MET A 125 -4.88 1.64 -6.41
N ALA A 126 -5.60 2.77 -6.54
CA ALA A 126 -5.72 3.81 -5.49
C ALA A 126 -6.35 3.30 -4.16
N LEU A 127 -7.45 2.56 -4.34
CA LEU A 127 -8.09 1.87 -3.24
C LEU A 127 -7.13 1.00 -2.52
N THR A 128 -6.33 0.28 -3.29
CA THR A 128 -5.39 -0.65 -2.70
C THR A 128 -4.46 0.11 -1.78
N ILE A 129 -3.97 1.25 -2.26
CA ILE A 129 -3.04 2.02 -1.48
C ILE A 129 -3.70 2.64 -0.25
N ALA A 130 -4.94 3.07 -0.41
CA ALA A 130 -5.76 3.59 0.66
C ALA A 130 -5.95 2.53 1.76
N ARG A 131 -6.18 1.26 1.40
CA ARG A 131 -6.26 0.23 2.46
C ARG A 131 -4.95 0.17 3.19
N GLN A 132 -3.85 0.19 2.42
CA GLN A 132 -2.60 -0.04 3.05
C GLN A 132 -2.19 1.11 4.00
N LEU A 133 -2.61 2.34 3.65
CA LEU A 133 -2.41 3.46 4.58
C LEU A 133 -3.25 3.21 5.86
N GLY A 134 -4.50 2.82 5.68
CA GLY A 134 -5.31 2.57 6.83
C GLY A 134 -4.62 1.62 7.75
N PHE A 135 -4.24 0.48 7.19
CA PHE A 135 -3.64 -0.54 8.01
C PHE A 135 -2.33 -0.14 8.63
N SER A 136 -1.55 0.62 7.90
CA SER A 136 -0.29 1.08 8.44
C SER A 136 -0.53 2.00 9.61
N ILE A 137 -1.51 2.89 9.48
CA ILE A 137 -1.89 3.74 10.60
C ILE A 137 -2.48 2.90 11.78
N GLN A 138 -3.48 2.07 11.50
CA GLN A 138 -4.05 1.24 12.55
C GLN A 138 -2.92 0.67 13.43
N ARG A 139 -2.00 -0.02 12.79
CA ARG A 139 -0.97 -0.77 13.49
C ARG A 139 0.12 0.06 14.09
N MET A 140 0.50 1.12 13.42
CA MET A 140 1.59 1.89 13.95
C MET A 140 1.18 2.68 15.19
N ARG A 141 0.09 3.48 15.21
CA ARG A 141 -0.32 4.06 16.52
C ARG A 141 -0.74 3.00 17.57
N ALA A 142 -1.30 1.87 17.13
CA ALA A 142 -1.57 0.75 18.05
C ALA A 142 -0.31 0.42 18.85
N GLU A 143 0.84 0.36 18.18
CA GLU A 143 2.10 0.06 18.84
C GLU A 143 2.50 1.18 19.79
N TYR A 144 2.39 2.41 19.32
CA TYR A 144 2.72 3.58 20.13
C TYR A 144 1.83 3.66 21.36
N ALA A 145 0.56 3.34 21.19
CA ALA A 145 -0.39 3.37 22.30
C ALA A 145 -0.12 2.23 23.29
N ARG A 146 0.05 1.03 22.76
CA ARG A 146 0.32 -0.14 23.60
C ARG A 146 1.36 0.20 24.67
N ARG A 147 2.47 0.77 24.25
CA ARG A 147 3.53 1.15 25.15
C ARG A 147 2.97 2.24 26.06
N GLN A 148 2.23 1.80 27.07
CA GLN A 148 1.64 2.69 28.05
C GLN A 148 1.66 2.01 29.41
N SER B 1 10.93 1.54 19.57
CA SER B 1 11.97 1.40 18.52
C SER B 1 11.31 1.03 17.18
N ASN B 2 11.77 1.73 16.15
CA ASN B 2 11.30 1.57 14.76
C ASN B 2 10.75 0.17 14.32
N ALA B 3 9.49 0.23 13.87
CA ALA B 3 8.71 -0.92 13.56
C ALA B 3 8.14 -0.77 12.15
N ILE B 4 9.01 -1.14 11.24
CA ILE B 4 8.61 -1.71 10.01
C ILE B 4 7.98 -3.07 10.29
N GLU B 5 8.06 -3.57 11.50
CA GLU B 5 7.31 -4.76 11.81
C GLU B 5 5.79 -4.50 11.70
N GLU B 6 5.37 -3.28 12.04
CA GLU B 6 3.98 -2.87 11.94
C GLU B 6 3.59 -2.71 10.43
N VAL B 7 4.47 -2.11 9.62
CA VAL B 7 4.31 -2.05 8.17
C VAL B 7 4.18 -3.42 7.54
N TYR B 8 5.02 -4.40 7.94
CA TYR B 8 4.85 -5.78 7.40
C TYR B 8 3.46 -6.36 7.63
N GLU B 9 2.92 -6.19 8.84
CA GLU B 9 1.60 -6.74 9.14
C GLU B 9 0.51 -5.96 8.44
N ALA B 10 0.73 -4.64 8.38
CA ALA B 10 -0.18 -3.79 7.63
C ALA B 10 -0.28 -4.33 6.21
N THR B 11 0.85 -4.66 5.60
CA THR B 11 0.88 -5.04 4.21
C THR B 11 0.19 -6.36 4.09
N LEU B 12 0.44 -7.24 5.07
CA LEU B 12 -0.31 -8.54 5.12
C LEU B 12 -1.84 -8.32 5.22
N ASP B 13 -2.25 -7.34 6.03
CA ASP B 13 -3.65 -6.92 6.05
C ASP B 13 -4.09 -6.49 4.63
N ALA B 14 -3.34 -5.61 4.02
CA ALA B 14 -3.70 -5.07 2.72
C ALA B 14 -3.76 -6.18 1.65
N ILE B 15 -2.76 -7.06 1.64
CA ILE B 15 -2.80 -8.23 0.72
C ILE B 15 -4.08 -9.05 0.85
N GLN B 16 -4.55 -9.25 2.08
CA GLN B 16 -5.70 -10.12 2.22
C GLN B 16 -7.04 -9.46 1.93
N GLY B 17 -7.14 -8.15 2.10
CA GLY B 17 -8.31 -7.44 1.64
C GLY B 17 -8.22 -7.29 0.12
N ALA B 18 -7.17 -6.59 -0.31
CA ALA B 18 -6.92 -6.30 -1.71
C ALA B 18 -7.05 -7.51 -2.63
N LEU B 19 -6.56 -8.67 -2.19
CA LEU B 19 -6.33 -9.79 -3.09
C LEU B 19 -6.98 -11.08 -2.65
N ASN B 20 -7.58 -11.10 -1.48
CA ASN B 20 -8.45 -12.25 -1.12
C ASN B 20 -7.92 -13.64 -1.67
N CYS B 21 -6.80 -14.05 -1.07
CA CYS B 21 -6.18 -15.38 -1.20
C CYS B 21 -5.90 -15.86 0.24
N ASP B 22 -5.44 -17.08 0.44
CA ASP B 22 -5.63 -17.68 1.76
C ASP B 22 -4.49 -17.38 2.77
N ARG B 23 -3.25 -17.31 2.25
CA ARG B 23 -2.12 -16.86 3.05
C ARG B 23 -1.13 -16.07 2.22
N ALA B 24 -0.20 -15.43 2.89
CA ALA B 24 0.74 -14.50 2.26
C ALA B 24 2.07 -14.46 3.03
N SER B 25 3.17 -14.17 2.36
CA SER B 25 4.43 -13.94 3.10
C SER B 25 5.25 -12.80 2.52
N ILE B 26 6.13 -12.26 3.36
CA ILE B 26 7.15 -11.37 2.92
C ILE B 26 8.50 -11.92 3.31
N LEU B 27 9.40 -11.89 2.33
CA LEU B 27 10.75 -12.25 2.55
C LEU B 27 11.73 -11.20 2.04
N LEU B 28 12.90 -11.16 2.70
CA LEU B 28 13.98 -10.29 2.30
C LEU B 28 15.33 -11.03 2.36
N PHE B 29 16.29 -10.58 1.54
CA PHE B 29 17.61 -11.14 1.52
C PHE B 29 18.32 -10.79 2.75
N ASP B 30 19.11 -11.72 3.25
CA ASP B 30 20.08 -11.44 4.29
C ASP B 30 21.39 -11.21 3.62
N GLU B 31 22.45 -10.92 4.39
CA GLU B 31 23.81 -10.65 3.88
C GLU B 31 24.46 -11.85 3.20
N ALA B 32 23.86 -13.00 3.36
CA ALA B 32 24.36 -14.16 2.73
C ALA B 32 23.74 -14.30 1.35
N GLY B 33 22.82 -13.44 0.95
CA GLY B 33 22.13 -13.64 -0.34
C GLY B 33 21.01 -14.68 -0.34
N THR B 34 20.49 -15.00 0.84
CA THR B 34 19.42 -15.98 0.99
C THR B 34 18.13 -15.28 1.48
N MET B 35 17.01 -15.62 0.86
CA MET B 35 15.72 -15.01 1.18
C MET B 35 15.26 -15.59 2.46
N ARG B 36 14.79 -14.74 3.37
CA ARG B 36 14.33 -15.06 4.74
C ARG B 36 12.95 -14.47 5.03
N PHE B 37 12.08 -15.20 5.73
CA PHE B 37 10.73 -14.69 6.06
C PHE B 37 10.90 -13.56 7.03
N VAL B 38 10.35 -12.38 6.76
CA VAL B 38 10.23 -11.36 7.79
C VAL B 38 8.77 -11.21 8.31
N ALA B 39 7.82 -11.91 7.72
CA ALA B 39 6.39 -11.71 8.01
C ALA B 39 5.63 -12.85 7.35
N ALA B 40 4.64 -13.40 8.05
CA ALA B 40 3.78 -14.43 7.48
C ALA B 40 2.36 -14.38 8.02
N ARG B 41 1.45 -15.04 7.34
CA ARG B 41 0.08 -15.21 7.80
C ARG B 41 -0.49 -16.15 6.79
N GLY B 42 -1.29 -17.13 7.14
CA GLY B 42 -1.08 -18.01 8.21
C GLY B 42 -0.62 -19.24 7.41
N LEU B 43 0.69 -19.25 7.16
CA LEU B 43 1.46 -20.44 6.87
C LEU B 43 1.94 -20.84 8.24
N SER B 44 2.09 -22.13 8.46
CA SER B 44 2.44 -22.64 9.75
C SER B 44 3.93 -22.53 10.07
N GLU B 45 4.31 -22.67 11.32
CA GLU B 45 5.71 -22.69 11.67
C GLU B 45 6.38 -23.88 11.03
N HIS B 46 5.71 -25.01 10.99
CA HIS B 46 6.32 -26.14 10.31
C HIS B 46 6.70 -25.86 8.81
N TYR B 47 5.82 -25.20 8.06
CA TYR B 47 6.14 -24.89 6.66
C TYR B 47 7.27 -23.89 6.57
N GLN B 48 7.22 -22.84 7.39
CA GLN B 48 8.21 -21.76 7.26
C GLN B 48 9.59 -22.26 7.59
N ARG B 49 9.68 -23.13 8.58
CA ARG B 49 10.92 -23.83 8.88
C ARG B 49 11.38 -24.60 7.64
N ALA B 50 10.64 -25.62 7.21
CA ALA B 50 11.00 -26.32 5.97
C ALA B 50 11.66 -25.40 4.91
N VAL B 51 11.02 -24.27 4.63
CA VAL B 51 11.31 -23.51 3.43
C VAL B 51 12.29 -22.35 3.63
N ASP B 52 12.56 -21.94 4.86
CA ASP B 52 13.20 -20.66 5.08
C ASP B 52 14.44 -20.35 4.25
N GLY B 53 15.34 -21.29 4.10
CA GLY B 53 16.54 -21.01 3.36
C GLY B 53 16.39 -20.95 1.86
N HIS B 54 15.34 -21.56 1.31
CA HIS B 54 15.23 -21.74 -0.11
C HIS B 54 14.79 -21.37 -1.51
N SER B 55 13.97 -20.33 -1.61
CA SER B 55 13.57 -19.81 -2.91
C SER B 55 14.21 -19.18 -4.15
N PRO B 56 14.67 -17.95 -4.00
CA PRO B 56 14.77 -16.84 -5.11
C PRO B 56 14.30 -17.18 -6.57
N TRP B 57 14.49 -16.32 -7.60
CA TRP B 57 14.91 -14.90 -7.51
C TRP B 57 13.82 -14.00 -8.11
N GLU B 63 15.03 -9.81 -15.32
CA GLU B 63 15.00 -8.55 -14.58
C GLU B 63 13.65 -8.31 -13.81
N PRO B 64 13.69 -8.31 -12.43
CA PRO B 64 12.55 -8.40 -11.51
C PRO B 64 11.14 -8.35 -12.10
N GLU B 65 10.50 -9.51 -12.21
CA GLU B 65 9.10 -9.58 -12.60
C GLU B 65 8.34 -10.62 -11.80
N PRO B 66 7.01 -10.50 -11.74
CA PRO B 66 6.19 -11.50 -11.07
C PRO B 66 6.36 -12.93 -11.59
N ILE B 67 5.98 -13.91 -10.79
CA ILE B 67 6.00 -15.30 -11.15
C ILE B 67 4.69 -15.85 -10.60
N PHE B 68 4.01 -16.68 -11.38
CA PHE B 68 2.78 -17.29 -10.93
C PHE B 68 2.85 -18.81 -11.11
N VAL B 69 2.71 -19.57 -10.03
CA VAL B 69 2.39 -20.97 -10.17
C VAL B 69 0.86 -21.17 -10.01
N GLU B 70 0.19 -21.38 -11.15
CA GLU B 70 -1.26 -21.58 -11.17
C GLU B 70 -1.63 -22.95 -10.68
N ASN B 71 -0.68 -23.88 -10.78
CA ASN B 71 -0.76 -25.15 -10.07
C ASN B 71 0.59 -25.83 -9.79
N VAL B 72 0.93 -26.01 -8.51
CA VAL B 72 2.18 -26.66 -8.13
C VAL B 72 2.41 -28.00 -8.85
N ASP B 73 1.35 -28.74 -9.19
CA ASP B 73 1.55 -29.97 -9.98
C ASP B 73 2.17 -29.64 -11.32
N ASP B 74 1.42 -28.92 -12.15
CA ASP B 74 1.96 -28.40 -13.40
C ASP B 74 3.11 -27.39 -13.13
N ALA B 75 4.08 -27.78 -12.31
CA ALA B 75 5.08 -26.86 -11.82
C ALA B 75 6.43 -27.52 -11.63
N GLU B 76 7.46 -26.87 -12.16
CA GLU B 76 8.82 -27.40 -12.14
C GLU B 76 9.52 -27.04 -10.81
N PHE B 77 9.14 -27.75 -9.76
CA PHE B 77 9.81 -27.62 -8.46
C PHE B 77 10.52 -28.94 -8.18
N SER B 78 11.35 -28.94 -7.12
CA SER B 78 11.93 -30.17 -6.62
C SER B 78 10.81 -30.97 -5.91
N ARG B 79 10.90 -32.30 -5.91
CA ARG B 79 9.97 -33.15 -5.11
C ARG B 79 10.16 -32.88 -3.59
N GLU B 80 11.35 -32.42 -3.20
CA GLU B 80 11.63 -32.00 -1.82
C GLU B 80 10.79 -30.77 -1.45
N LEU B 81 11.19 -29.65 -2.03
CA LEU B 81 10.41 -28.44 -1.93
C LEU B 81 8.91 -28.66 -2.11
N LYS B 82 8.54 -29.51 -3.08
CA LYS B 82 7.14 -29.64 -3.50
C LYS B 82 6.30 -30.29 -2.42
N GLU B 83 6.80 -31.35 -1.78
CA GLU B 83 5.95 -31.94 -0.77
C GLU B 83 5.79 -30.98 0.40
N SER B 84 6.78 -30.13 0.65
CA SER B 84 6.60 -29.11 1.70
C SER B 84 5.36 -28.27 1.39
N ILE B 85 5.28 -27.83 0.13
CA ILE B 85 4.20 -26.95 -0.36
C ILE B 85 2.88 -27.70 -0.31
N VAL B 86 2.86 -28.88 -0.91
CA VAL B 86 1.63 -29.63 -0.90
C VAL B 86 1.28 -29.96 0.55
N GLY B 87 2.28 -30.27 1.38
CA GLY B 87 2.07 -30.61 2.79
C GLY B 87 1.33 -29.56 3.59
N GLU B 88 1.63 -28.29 3.27
CA GLU B 88 1.04 -27.11 3.91
C GLU B 88 -0.38 -26.88 3.44
N GLY B 89 -0.73 -27.45 2.30
CA GLY B 89 -2.07 -27.32 1.72
C GLY B 89 -2.16 -26.24 0.64
N ILE B 90 -1.03 -25.98 -0.04
CA ILE B 90 -0.90 -24.94 -1.03
C ILE B 90 -0.98 -25.54 -2.42
N ALA B 91 -1.89 -25.03 -3.26
CA ALA B 91 -2.07 -25.46 -4.64
C ALA B 91 -1.63 -24.45 -5.69
N ALA B 92 -1.33 -23.21 -5.27
CA ALA B 92 -0.96 -22.15 -6.18
C ALA B 92 -0.26 -20.96 -5.49
N LEU B 93 0.53 -20.22 -6.27
CA LEU B 93 1.47 -19.26 -5.73
C LEU B 93 1.71 -18.06 -6.60
N GLY B 94 1.74 -16.90 -5.99
CA GLY B 94 2.14 -15.70 -6.67
C GLY B 94 3.38 -15.12 -6.03
N PHE B 95 4.41 -14.88 -6.83
CA PHE B 95 5.63 -14.26 -6.36
C PHE B 95 5.75 -12.85 -6.86
N PHE B 96 5.93 -11.88 -5.96
CA PHE B 96 5.93 -10.45 -6.33
C PHE B 96 7.13 -9.73 -5.81
N PRO B 97 8.03 -9.31 -6.70
CA PRO B 97 9.27 -8.63 -6.31
C PRO B 97 9.16 -7.32 -5.58
N LEU B 98 10.09 -7.13 -4.65
CA LEU B 98 10.30 -5.88 -3.99
C LEU B 98 11.68 -5.40 -4.39
N VAL B 99 11.79 -4.11 -4.64
CA VAL B 99 12.95 -3.49 -5.25
C VAL B 99 13.29 -2.10 -4.65
N THR B 100 14.56 -1.70 -4.67
CA THR B 100 14.95 -0.30 -4.39
C THR B 100 15.96 0.15 -5.41
N GLU B 101 15.65 1.20 -6.14
CA GLU B 101 16.56 1.60 -7.17
C GLU B 101 16.67 0.47 -8.21
N GLY B 102 15.54 -0.20 -8.49
CA GLY B 102 15.59 -1.45 -9.32
C GLY B 102 16.44 -2.66 -8.84
N ARG B 103 16.96 -2.61 -7.58
CA ARG B 103 17.60 -3.78 -6.94
C ARG B 103 16.55 -4.65 -6.32
N LEU B 104 16.54 -5.90 -6.71
CA LEU B 104 15.76 -6.87 -6.02
C LEU B 104 16.24 -6.98 -4.55
N ILE B 105 15.30 -6.82 -3.63
CA ILE B 105 15.56 -6.68 -2.19
C ILE B 105 14.81 -7.79 -1.44
N GLY B 106 13.85 -8.37 -2.11
CA GLY B 106 13.08 -9.43 -1.54
C GLY B 106 11.81 -9.58 -2.36
N LYS B 107 10.83 -10.25 -1.78
CA LYS B 107 9.59 -10.46 -2.46
C LYS B 107 8.49 -10.59 -1.49
N PHE B 108 7.28 -10.46 -1.99
CA PHE B 108 6.18 -10.98 -1.24
C PHE B 108 5.47 -12.02 -2.03
N MET B 109 4.77 -12.87 -1.29
CA MET B 109 4.13 -14.05 -1.84
C MET B 109 2.71 -14.21 -1.40
N THR B 110 1.88 -14.69 -2.32
CA THR B 110 0.51 -15.03 -2.03
C THR B 110 0.38 -16.51 -2.30
N TYR B 111 -0.48 -17.14 -1.50
CA TYR B 111 -0.63 -18.56 -1.53
C TYR B 111 -2.14 -18.88 -1.65
N TYR B 112 -2.46 -19.96 -2.37
CA TYR B 112 -3.84 -20.40 -2.58
C TYR B 112 -3.97 -21.90 -2.35
N ASP B 113 -5.10 -22.30 -1.80
CA ASP B 113 -5.30 -23.66 -1.41
C ASP B 113 -5.74 -24.47 -2.61
N ARG B 114 -6.55 -23.87 -3.45
CA ARG B 114 -6.92 -24.44 -4.76
C ARG B 114 -6.00 -23.82 -5.81
N PRO B 115 -5.72 -24.53 -6.94
CA PRO B 115 -5.13 -23.87 -8.15
C PRO B 115 -5.79 -22.53 -8.47
N HIS B 116 -5.06 -21.62 -9.12
CA HIS B 116 -5.59 -20.26 -9.31
C HIS B 116 -5.04 -19.56 -10.56
N ARG B 117 -5.89 -18.91 -11.32
CA ARG B 117 -5.42 -18.07 -12.41
C ARG B 117 -5.57 -16.59 -12.04
N PHE B 118 -4.65 -15.75 -12.50
CA PHE B 118 -4.53 -14.41 -11.89
C PHE B 118 -5.11 -13.34 -12.82
N ALA B 119 -6.02 -12.53 -12.32
CA ALA B 119 -6.57 -11.48 -13.18
C ALA B 119 -5.51 -10.34 -13.36
N ASP B 120 -5.71 -9.49 -14.36
CA ASP B 120 -4.85 -8.30 -14.50
C ASP B 120 -5.07 -7.39 -13.29
N SER B 121 -6.32 -7.29 -12.85
CA SER B 121 -6.63 -6.40 -11.75
C SER B 121 -5.92 -6.86 -10.51
N GLU B 122 -5.90 -8.18 -10.23
CA GLU B 122 -5.23 -8.64 -8.99
C GLU B 122 -3.76 -8.30 -9.14
N ILE B 123 -3.18 -8.76 -10.25
CA ILE B 123 -1.77 -8.55 -10.46
C ILE B 123 -1.48 -7.09 -10.24
N GLY B 124 -2.35 -6.19 -10.72
CA GLY B 124 -2.14 -4.74 -10.63
C GLY B 124 -2.14 -4.27 -9.19
N MET B 125 -3.17 -4.64 -8.47
CA MET B 125 -3.20 -4.41 -7.04
C MET B 125 -1.93 -5.04 -6.40
N ALA B 126 -1.64 -6.29 -6.71
CA ALA B 126 -0.49 -6.91 -6.10
C ALA B 126 0.79 -6.05 -6.33
N LEU B 127 0.91 -5.50 -7.54
CA LEU B 127 2.11 -4.74 -7.90
C LEU B 127 2.14 -3.44 -7.15
N THR B 128 0.99 -2.79 -7.03
CA THR B 128 0.89 -1.60 -6.21
C THR B 128 1.27 -1.90 -4.74
N ILE B 129 0.80 -3.00 -4.18
CA ILE B 129 1.23 -3.35 -2.80
C ILE B 129 2.77 -3.42 -2.68
N ALA B 130 3.43 -4.06 -3.65
CA ALA B 130 4.86 -4.36 -3.60
C ALA B 130 5.65 -3.08 -3.79
N ARG B 131 5.02 -2.17 -4.49
CA ARG B 131 5.60 -0.86 -4.71
C ARG B 131 5.70 -0.10 -3.42
N GLN B 132 4.61 -0.13 -2.66
CA GLN B 132 4.54 0.62 -1.44
C GLN B 132 5.46 0.06 -0.35
N LEU B 133 5.58 -1.26 -0.30
CA LEU B 133 6.38 -1.92 0.74
C LEU B 133 7.80 -1.52 0.48
N GLY B 134 8.18 -1.68 -0.80
CA GLY B 134 9.50 -1.29 -1.30
C GLY B 134 9.84 0.10 -0.80
N PHE B 135 8.93 1.07 -1.02
CA PHE B 135 9.22 2.45 -0.61
C PHE B 135 9.17 2.61 0.90
N SER B 136 8.20 1.99 1.54
CA SER B 136 8.20 1.95 3.01
C SER B 136 9.56 1.49 3.57
N ILE B 137 10.04 0.32 3.14
CA ILE B 137 11.36 -0.15 3.60
C ILE B 137 12.45 0.87 3.20
N GLN B 138 12.42 1.35 1.95
CA GLN B 138 13.45 2.33 1.53
C GLN B 138 13.51 3.52 2.52
N ARG B 139 12.36 4.03 2.93
CA ARG B 139 12.35 5.25 3.70
C ARG B 139 12.57 5.04 5.16
N MET B 140 12.12 3.89 5.64
CA MET B 140 12.29 3.58 7.03
C MET B 140 13.74 3.24 7.32
N ARG B 141 14.29 2.22 6.65
CA ARG B 141 15.72 1.98 6.70
C ARG B 141 16.53 3.27 6.68
N ALA B 142 16.20 4.19 5.75
CA ALA B 142 17.16 5.21 5.28
C ALA B 142 17.50 6.22 6.34
N GLU B 143 16.46 6.95 6.71
CA GLU B 143 16.61 8.04 7.65
C GLU B 143 16.74 7.53 9.12
N TYR B 144 16.69 6.21 9.32
CA TYR B 144 17.20 5.58 10.55
C TYR B 144 18.71 5.37 10.39
N ALA B 145 19.17 5.10 9.17
CA ALA B 145 20.58 5.30 8.84
C ALA B 145 21.01 6.77 9.17
N ARG B 146 20.15 7.73 8.82
CA ARG B 146 20.54 9.14 8.85
C ARG B 146 20.30 9.87 10.17
N ARG B 147 19.27 9.48 10.90
CA ARG B 147 19.02 10.08 12.18
C ARG B 147 20.17 9.76 13.10
N GLN B 148 21.32 9.44 12.53
CA GLN B 148 22.50 9.12 13.31
C GLN B 148 23.59 10.15 13.11
N ALA B 149 24.06 10.23 11.86
CA ALA B 149 25.08 11.20 11.52
C ALA B 149 24.66 12.61 11.92
#